data_3NRD
#
_entry.id   3NRD
#
_cell.length_a   97.358
_cell.length_b   71.114
_cell.length_c   85.241
_cell.angle_alpha   90.000
_cell.angle_beta   90.000
_cell.angle_gamma   90.000
#
_symmetry.space_group_name_H-M   'P 2 2 21'
#
loop_
_entity.id
_entity.type
_entity.pdbx_description
1 polymer 'histidine triad (HIT) protein'
2 non-polymer GLYCEROL
3 non-polymer 'SULFATE ION'
4 water water
#
_entity_poly.entity_id   1
_entity_poly.type   'polypeptide(L)'
_entity_poly.pdbx_seq_one_letter_code
;G(MSE)TTFTLDERLERDGIPIGTLGLCQ(MSE)RL(MSE)NDRRWPWLILVPQRADIKEVFELTPLDQA(MSE)LTFET
NLVAAGLKKATGAEKINIGALGNIVRQLHVHVIARREGDPNWPGPVWGFGKAEPWPEEEHRTFAARI(MSE)ENL
;
_entity_poly.pdbx_strand_id   A,B,C,D
#
loop_
_chem_comp.id
_chem_comp.type
_chem_comp.name
_chem_comp.formula
GOL non-polymer GLYCEROL 'C3 H8 O3'
SO4 non-polymer 'SULFATE ION' 'O4 S -2'
#
# COMPACT_ATOMS: atom_id res chain seq x y z
N GLY A 1 -3.44 -5.40 -42.82
CA GLY A 1 -3.80 -6.63 -42.07
C GLY A 1 -2.66 -7.61 -41.86
N MSE A 2 -3.00 -8.71 -41.18
CA MSE A 2 -2.02 -9.68 -40.71
C MSE A 2 -1.30 -10.46 -41.80
O MSE A 2 -0.15 -10.85 -41.60
CB MSE A 2 -2.66 -10.70 -39.76
CG MSE A 2 -3.12 -10.14 -38.45
SE MSE A 2 -3.51 -11.53 -37.15
CE MSE A 2 -4.83 -10.59 -36.10
N THR A 3 -1.97 -10.68 -42.93
CA THR A 3 -1.40 -11.47 -44.01
C THR A 3 -0.26 -10.73 -44.70
N THR A 4 -0.20 -9.39 -44.66
CA THR A 4 0.93 -8.61 -45.20
C THR A 4 1.95 -8.20 -44.15
N PHE A 5 1.79 -8.65 -42.89
CA PHE A 5 2.71 -8.25 -41.83
C PHE A 5 4.13 -8.76 -42.13
N THR A 6 5.15 -7.92 -41.94
CA THR A 6 6.55 -8.34 -42.15
C THR A 6 7.31 -8.47 -40.83
N LEU A 7 7.81 -9.67 -40.56
CA LEU A 7 8.67 -9.92 -39.43
C LEU A 7 9.98 -9.19 -39.67
N ASP A 8 10.50 -8.55 -38.62
CA ASP A 8 11.80 -7.91 -38.63
C ASP A 8 12.89 -8.92 -38.98
N GLU A 9 13.80 -8.56 -39.86
CA GLU A 9 14.83 -9.52 -40.35
C GLU A 9 15.72 -10.10 -39.21
N ARG A 10 15.97 -9.33 -38.16
CA ARG A 10 16.81 -9.82 -37.08
CA ARG A 10 16.81 -9.77 -37.05
C ARG A 10 16.06 -10.84 -36.22
N LEU A 11 14.74 -10.68 -36.10
CA LEU A 11 13.89 -11.70 -35.44
C LEU A 11 13.71 -12.94 -36.33
N GLU A 12 13.68 -12.71 -37.63
CA GLU A 12 13.70 -13.78 -38.64
C GLU A 12 14.95 -14.62 -38.46
N ARG A 13 16.09 -13.93 -38.39
CA ARG A 13 17.38 -14.60 -38.25
C ARG A 13 17.56 -15.31 -36.91
N ASP A 14 17.23 -14.64 -35.80
CA ASP A 14 17.57 -15.16 -34.47
C ASP A 14 16.58 -16.14 -33.87
N GLY A 15 15.39 -16.24 -34.47
CA GLY A 15 14.32 -17.05 -33.93
C GLY A 15 13.91 -18.11 -34.94
N ILE A 16 13.51 -19.28 -34.46
CA ILE A 16 13.02 -20.37 -35.29
C ILE A 16 11.49 -20.32 -35.26
N PRO A 17 10.79 -20.31 -36.42
CA PRO A 17 9.31 -20.30 -36.38
C PRO A 17 8.78 -21.58 -35.79
N ILE A 18 7.84 -21.49 -34.87
CA ILE A 18 7.19 -22.69 -34.32
C ILE A 18 5.65 -22.64 -34.35
N GLY A 19 5.08 -21.65 -35.03
CA GLY A 19 3.63 -21.53 -35.16
C GLY A 19 3.14 -20.11 -35.01
N THR A 20 1.85 -19.95 -35.20
CA THR A 20 1.15 -18.69 -35.03
C THR A 20 -0.03 -18.96 -34.14
N LEU A 21 -0.35 -17.99 -33.29
CA LEU A 21 -1.55 -17.98 -32.47
C LEU A 21 -2.58 -17.17 -33.26
N GLY A 22 -3.43 -16.36 -32.64
CA GLY A 22 -4.33 -15.51 -33.39
C GLY A 22 -3.69 -14.21 -33.84
N LEU A 23 -3.16 -13.51 -32.86
CA LEU A 23 -2.50 -12.24 -33.11
C LEU A 23 -0.99 -12.43 -33.34
N CYS A 24 -0.36 -13.28 -32.52
CA CYS A 24 1.10 -13.37 -32.45
C CYS A 24 1.67 -14.56 -33.21
N GLN A 25 2.69 -14.31 -34.03
CA GLN A 25 3.61 -15.35 -34.45
C GLN A 25 4.46 -15.75 -33.25
N MSE A 26 4.78 -17.05 -33.16
CA MSE A 26 5.63 -17.60 -32.10
C MSE A 26 6.94 -18.05 -32.71
O MSE A 26 6.94 -18.75 -33.74
CB MSE A 26 5.02 -18.82 -31.45
CG MSE A 26 3.77 -18.58 -30.71
SE MSE A 26 3.15 -20.20 -29.76
CE MSE A 26 4.73 -20.34 -28.70
N ARG A 27 8.03 -17.66 -32.08
CA ARG A 27 9.34 -18.13 -32.47
C ARG A 27 10.10 -18.61 -31.27
N LEU A 28 10.94 -19.62 -31.47
CA LEU A 28 11.84 -20.10 -30.44
C LEU A 28 13.11 -19.35 -30.67
N MSE A 29 13.54 -18.55 -29.72
CA MSE A 29 14.82 -17.87 -29.79
CA MSE A 29 14.83 -17.86 -29.85
C MSE A 29 15.89 -18.93 -29.92
O MSE A 29 15.86 -19.91 -29.15
CB MSE A 29 15.05 -17.02 -28.53
CB MSE A 29 15.09 -16.90 -28.69
CG MSE A 29 16.36 -16.27 -28.49
CG MSE A 29 14.35 -15.60 -28.85
SE MSE A 29 16.47 -14.88 -29.78
SE MSE A 29 15.05 -14.58 -30.33
CE MSE A 29 15.58 -13.44 -28.79
CE MSE A 29 16.94 -14.73 -29.84
N ASN A 30 16.80 -18.77 -30.87
CA ASN A 30 17.77 -19.81 -31.11
C ASN A 30 18.95 -19.71 -30.15
N ASP A 31 18.65 -19.94 -28.88
CA ASP A 31 19.64 -19.95 -27.83
C ASP A 31 19.12 -20.99 -26.86
N ARG A 32 19.67 -22.20 -26.94
CA ARG A 32 19.20 -23.29 -26.07
C ARG A 32 19.58 -23.16 -24.58
N ARG A 33 20.37 -22.15 -24.21
CA ARG A 33 20.76 -21.98 -22.80
C ARG A 33 19.56 -21.78 -21.88
N TRP A 34 18.49 -21.16 -22.38
CA TRP A 34 17.21 -21.11 -21.67
C TRP A 34 16.09 -21.37 -22.66
N PRO A 35 15.04 -22.11 -22.28
CA PRO A 35 13.89 -22.19 -23.21
C PRO A 35 13.20 -20.83 -23.34
N TRP A 36 13.26 -20.27 -24.54
CA TRP A 36 13.03 -18.84 -24.77
C TRP A 36 12.23 -18.69 -26.05
N LEU A 37 11.02 -18.17 -25.90
CA LEU A 37 10.10 -17.92 -26.98
C LEU A 37 9.93 -16.44 -27.15
N ILE A 38 9.60 -16.03 -28.36
CA ILE A 38 9.10 -14.69 -28.57
C ILE A 38 7.76 -14.73 -29.26
N LEU A 39 6.92 -13.77 -28.89
CA LEU A 39 5.60 -13.59 -29.46
CA LEU A 39 5.60 -13.61 -29.46
C LEU A 39 5.64 -12.28 -30.23
N VAL A 40 5.30 -12.32 -31.51
CA VAL A 40 5.38 -11.12 -32.36
C VAL A 40 3.98 -10.85 -32.86
N PRO A 41 3.28 -9.85 -32.26
CA PRO A 41 1.95 -9.49 -32.75
C PRO A 41 2.04 -9.03 -34.18
N GLN A 42 1.15 -9.52 -35.03
CA GLN A 42 1.24 -9.27 -36.48
C GLN A 42 0.50 -8.00 -36.88
N ARG A 43 0.93 -6.88 -36.27
CA ARG A 43 0.46 -5.55 -36.60
C ARG A 43 1.67 -4.72 -37.04
N ALA A 44 1.52 -3.99 -38.15
CA ALA A 44 2.58 -3.16 -38.70
C ALA A 44 2.95 -1.99 -37.81
N ASP A 45 4.24 -1.66 -37.80
CA ASP A 45 4.81 -0.48 -37.15
C ASP A 45 4.41 -0.28 -35.69
N ILE A 46 4.40 -1.36 -34.90
CA ILE A 46 4.12 -1.27 -33.48
C ILE A 46 5.44 -1.45 -32.74
N LYS A 47 5.75 -0.49 -31.86
CA LYS A 47 6.99 -0.53 -31.07
CA LYS A 47 6.99 -0.51 -31.07
C LYS A 47 6.71 -0.68 -29.56
N GLU A 48 5.74 0.04 -29.02
CA GLU A 48 5.38 -0.10 -27.63
C GLU A 48 4.09 -0.87 -27.52
N VAL A 49 3.94 -1.64 -26.43
CA VAL A 49 2.70 -2.42 -26.23
C VAL A 49 1.45 -1.48 -26.23
N PHE A 50 1.60 -0.28 -25.68
CA PHE A 50 0.46 0.65 -25.61
C PHE A 50 -0.02 1.17 -26.96
N GLU A 51 0.78 1.00 -28.02
CA GLU A 51 0.37 1.38 -29.38
C GLU A 51 -0.66 0.45 -29.96
N LEU A 52 -0.71 -0.79 -29.48
CA LEU A 52 -1.76 -1.71 -29.89
C LEU A 52 -3.11 -1.14 -29.55
N THR A 53 -4.10 -1.43 -30.38
CA THR A 53 -5.47 -1.19 -29.99
C THR A 53 -5.79 -1.90 -28.65
N PRO A 54 -6.81 -1.42 -27.91
CA PRO A 54 -7.17 -2.09 -26.67
C PRO A 54 -7.43 -3.59 -26.80
N LEU A 55 -8.19 -3.98 -27.81
CA LEU A 55 -8.51 -5.39 -28.03
C LEU A 55 -7.23 -6.20 -28.33
N ASP A 56 -6.32 -5.65 -29.15
CA ASP A 56 -5.04 -6.33 -29.42
C ASP A 56 -4.16 -6.45 -28.17
N GLN A 57 -4.15 -5.42 -27.32
CA GLN A 57 -3.47 -5.54 -26.01
C GLN A 57 -4.02 -6.69 -25.18
N ALA A 58 -5.33 -6.88 -25.23
CA ALA A 58 -6.01 -7.97 -24.52
C ALA A 58 -5.63 -9.31 -25.11
N MSE A 59 -5.70 -9.41 -26.45
CA MSE A 59 -5.29 -10.60 -27.18
C MSE A 59 -3.85 -10.97 -26.83
O MSE A 59 -3.54 -12.16 -26.61
CB MSE A 59 -5.35 -10.41 -28.72
CG MSE A 59 -6.67 -10.75 -29.49
SE MSE A 59 -7.33 -12.52 -29.24
CE MSE A 59 -5.83 -13.48 -28.60
N LEU A 60 -2.97 -9.98 -26.82
CA LEU A 60 -1.55 -10.21 -26.51
C LEU A 60 -1.36 -10.69 -25.08
N THR A 61 -2.09 -10.08 -24.14
CA THR A 61 -2.03 -10.47 -22.73
C THR A 61 -2.26 -11.95 -22.57
N PHE A 62 -3.35 -12.42 -23.15
CA PHE A 62 -3.78 -13.80 -22.93
C PHE A 62 -3.02 -14.80 -23.76
N GLU A 63 -2.61 -14.39 -24.95
CA GLU A 63 -1.67 -15.20 -25.74
C GLU A 63 -0.35 -15.31 -24.98
N THR A 64 0.14 -14.20 -24.42
CA THR A 64 1.40 -14.23 -23.64
C THR A 64 1.30 -15.19 -22.44
N ASN A 65 0.16 -15.09 -21.74
CA ASN A 65 -0.06 -15.77 -20.50
C ASN A 65 -0.37 -17.25 -20.74
N LEU A 66 -1.11 -17.54 -21.82
CA LEU A 66 -1.30 -18.92 -22.26
C LEU A 66 0.04 -19.56 -22.59
N VAL A 67 0.89 -18.85 -23.32
CA VAL A 67 2.21 -19.38 -23.67
C VAL A 67 3.10 -19.53 -22.44
N ALA A 68 3.04 -18.57 -21.52
CA ALA A 68 3.86 -18.63 -20.29
C ALA A 68 3.48 -19.87 -19.47
N ALA A 69 2.19 -20.09 -19.26
CA ALA A 69 1.68 -21.28 -18.54
C ALA A 69 2.10 -22.55 -19.28
N GLY A 70 1.97 -22.53 -20.60
CA GLY A 70 2.36 -23.66 -21.43
C GLY A 70 3.85 -23.95 -21.37
N LEU A 71 4.65 -22.90 -21.47
CA LEU A 71 6.10 -23.04 -21.41
C LEU A 71 6.52 -23.60 -20.07
N LYS A 72 5.90 -23.12 -18.99
CA LYS A 72 6.24 -23.58 -17.65
C LYS A 72 5.90 -25.05 -17.50
N LYS A 73 4.73 -25.44 -18.00
CA LYS A 73 4.31 -26.83 -17.97
C LYS A 73 5.27 -27.73 -18.80
N ALA A 74 5.60 -27.30 -20.00
CA ALA A 74 6.47 -28.09 -20.90
C ALA A 74 7.91 -28.26 -20.37
N THR A 75 8.41 -27.27 -19.62
CA THR A 75 9.82 -27.29 -19.15
C THR A 75 9.98 -27.75 -17.69
N GLY A 76 8.93 -27.71 -16.90
CA GLY A 76 9.07 -27.88 -15.44
C GLY A 76 9.83 -26.71 -14.78
N ALA A 77 9.81 -25.53 -15.41
CA ALA A 77 10.53 -24.37 -14.95
C ALA A 77 10.06 -23.90 -13.58
N GLU A 78 10.97 -23.37 -12.77
CA GLU A 78 10.59 -22.71 -11.49
C GLU A 78 9.90 -21.36 -11.69
N LYS A 79 10.29 -20.62 -12.73
CA LYS A 79 9.81 -19.26 -12.93
C LYS A 79 9.86 -18.87 -14.40
N ILE A 80 8.80 -18.21 -14.86
CA ILE A 80 8.79 -17.58 -16.16
C ILE A 80 9.21 -16.11 -16.04
N ASN A 81 9.98 -15.63 -17.02
CA ASN A 81 10.32 -14.23 -17.19
C ASN A 81 9.67 -13.75 -18.48
N ILE A 82 8.95 -12.63 -18.44
CA ILE A 82 8.27 -12.05 -19.58
C ILE A 82 8.86 -10.70 -19.81
N GLY A 83 9.12 -10.33 -21.06
CA GLY A 83 9.82 -9.06 -21.33
C GLY A 83 9.48 -8.45 -22.66
N ALA A 84 9.25 -7.14 -22.68
CA ALA A 84 9.03 -6.37 -23.92
C ALA A 84 10.04 -5.27 -23.80
N LEU A 85 11.14 -5.37 -24.53
CA LEU A 85 12.27 -4.46 -24.40
C LEU A 85 12.34 -3.63 -25.68
N GLY A 86 12.93 -4.19 -26.74
CA GLY A 86 12.97 -3.55 -28.02
C GLY A 86 13.93 -2.40 -28.15
N ASN A 87 15.02 -2.43 -27.40
CA ASN A 87 16.07 -1.43 -27.59
C ASN A 87 16.81 -1.79 -28.90
N ILE A 88 16.89 -3.09 -29.20
CA ILE A 88 17.64 -3.64 -30.36
C ILE A 88 16.68 -3.62 -31.58
N VAL A 89 15.71 -4.52 -31.56
CA VAL A 89 14.70 -4.64 -32.59
C VAL A 89 13.47 -3.91 -32.13
N ARG A 90 13.07 -2.88 -32.85
CA ARG A 90 11.94 -2.02 -32.44
C ARG A 90 10.56 -2.60 -32.65
N GLN A 91 10.39 -3.44 -33.66
CA GLN A 91 9.18 -4.19 -33.83
C GLN A 91 8.81 -4.93 -32.53
N LEU A 92 7.57 -4.71 -32.07
CA LEU A 92 7.10 -5.22 -30.81
C LEU A 92 7.25 -6.74 -30.78
N HIS A 93 7.97 -7.26 -29.78
CA HIS A 93 8.01 -8.69 -29.55
C HIS A 93 8.16 -8.93 -28.06
N VAL A 94 7.48 -9.97 -27.58
CA VAL A 94 7.43 -10.25 -26.15
C VAL A 94 8.19 -11.52 -25.92
N HIS A 95 9.24 -11.43 -25.10
CA HIS A 95 10.03 -12.55 -24.66
C HIS A 95 9.26 -13.29 -23.57
N VAL A 96 9.24 -14.63 -23.64
CA VAL A 96 8.63 -15.51 -22.64
C VAL A 96 9.63 -16.62 -22.41
N ILE A 97 10.29 -16.57 -21.26
CA ILE A 97 11.50 -17.34 -21.03
C ILE A 97 11.33 -18.22 -19.78
N ALA A 98 11.68 -19.49 -19.89
CA ALA A 98 11.60 -20.45 -18.76
C ALA A 98 12.91 -20.42 -17.96
N ARG A 99 12.81 -20.29 -16.65
CA ARG A 99 13.97 -20.15 -15.78
C ARG A 99 13.95 -21.07 -14.56
N ARG A 100 15.15 -21.30 -14.01
CA ARG A 100 15.28 -22.02 -12.79
C ARG A 100 16.61 -21.69 -12.15
N GLU A 101 16.66 -21.79 -10.84
CA GLU A 101 17.90 -21.66 -10.10
C GLU A 101 18.97 -22.55 -10.69
N GLY A 102 20.14 -21.96 -10.87
CA GLY A 102 21.29 -22.64 -11.42
C GLY A 102 21.37 -22.56 -12.94
N ASP A 103 20.39 -21.96 -13.62
CA ASP A 103 20.46 -21.85 -15.09
C ASP A 103 21.43 -20.73 -15.40
N PRO A 104 21.80 -20.53 -16.68
CA PRO A 104 22.86 -19.57 -16.91
C PRO A 104 22.47 -18.15 -16.49
N ASN A 105 23.34 -17.56 -15.67
CA ASN A 105 23.22 -16.23 -15.11
C ASN A 105 22.10 -16.05 -14.07
N TRP A 106 21.48 -17.14 -13.62
CA TRP A 106 20.50 -17.05 -12.57
C TRP A 106 21.11 -16.32 -11.37
N PRO A 107 20.36 -15.38 -10.76
CA PRO A 107 19.01 -14.91 -11.03
C PRO A 107 18.91 -13.72 -12.00
N GLY A 108 19.98 -13.36 -12.70
CA GLY A 108 19.99 -12.21 -13.58
C GLY A 108 19.22 -12.45 -14.87
N PRO A 109 19.16 -11.42 -15.72
CA PRO A 109 18.46 -11.56 -16.98
C PRO A 109 19.20 -12.39 -18.05
N VAL A 110 18.46 -13.01 -18.97
CA VAL A 110 19.08 -13.72 -20.09
C VAL A 110 19.65 -12.72 -21.11
N TRP A 111 19.02 -11.55 -21.20
CA TRP A 111 19.31 -10.56 -22.24
C TRP A 111 20.70 -10.00 -22.07
N GLY A 112 21.49 -10.10 -23.14
CA GLY A 112 22.84 -9.63 -23.16
C GLY A 112 23.86 -10.50 -22.47
N PHE A 113 23.45 -11.68 -21.98
CA PHE A 113 24.38 -12.54 -21.26
C PHE A 113 25.07 -13.52 -22.20
N GLY A 114 26.38 -13.40 -22.28
CA GLY A 114 27.21 -14.39 -22.99
C GLY A 114 26.87 -14.56 -24.47
N LYS A 115 27.15 -15.74 -25.01
CA LYS A 115 27.03 -16.04 -26.44
C LYS A 115 25.92 -17.07 -26.61
N ALA A 116 25.04 -16.87 -27.59
CA ALA A 116 23.98 -17.85 -27.86
C ALA A 116 24.57 -19.21 -28.24
N GLU A 117 23.96 -20.27 -27.73
CA GLU A 117 24.24 -21.66 -28.11
C GLU A 117 23.06 -22.14 -28.96
N PRO A 118 23.26 -22.31 -30.29
CA PRO A 118 22.11 -22.66 -31.14
C PRO A 118 21.51 -24.06 -30.84
N TRP A 119 20.22 -24.22 -31.11
CA TRP A 119 19.53 -25.47 -30.86
C TRP A 119 19.90 -26.48 -31.94
N PRO A 120 20.24 -27.72 -31.55
CA PRO A 120 20.24 -28.78 -32.55
C PRO A 120 18.89 -28.89 -33.24
N GLU A 121 18.91 -29.19 -34.54
CA GLU A 121 17.73 -29.23 -35.40
CA GLU A 121 17.70 -29.20 -35.37
C GLU A 121 16.60 -30.07 -34.78
N GLU A 122 16.87 -31.36 -34.63
CA GLU A 122 15.82 -32.27 -34.13
C GLU A 122 15.34 -31.91 -32.73
N GLU A 123 16.27 -31.53 -31.85
CA GLU A 123 15.90 -31.13 -30.49
CA GLU A 123 15.92 -31.11 -30.48
C GLU A 123 14.93 -29.94 -30.48
N HIS A 124 15.15 -28.92 -31.33
CA HIS A 124 14.14 -27.83 -31.36
C HIS A 124 12.82 -28.24 -32.00
N ARG A 125 12.84 -29.18 -32.92
CA ARG A 125 11.58 -29.72 -33.47
C ARG A 125 10.78 -30.44 -32.38
N THR A 126 11.46 -31.25 -31.57
CA THR A 126 10.82 -31.97 -30.46
C THR A 126 10.29 -30.97 -29.44
N PHE A 127 11.11 -30.01 -29.04
CA PHE A 127 10.68 -28.99 -28.10
C PHE A 127 9.50 -28.14 -28.61
N ALA A 128 9.51 -27.76 -29.89
CA ALA A 128 8.39 -27.01 -30.48
C ALA A 128 7.11 -27.84 -30.28
N ALA A 129 7.20 -29.14 -30.61
CA ALA A 129 6.07 -30.08 -30.43
C ALA A 129 5.57 -30.09 -29.00
N ARG A 130 6.51 -30.09 -28.06
CA ARG A 130 6.23 -30.16 -26.65
C ARG A 130 5.49 -28.90 -26.18
N ILE A 131 5.92 -27.74 -26.66
CA ILE A 131 5.24 -26.51 -26.35
C ILE A 131 3.81 -26.58 -26.84
N MSE A 132 3.63 -26.94 -28.12
CA MSE A 132 2.30 -26.98 -28.73
C MSE A 132 1.34 -27.95 -28.03
O MSE A 132 0.14 -27.66 -27.93
CB MSE A 132 2.37 -27.35 -30.24
CG MSE A 132 3.19 -26.42 -31.11
SE MSE A 132 2.78 -24.61 -30.88
CE MSE A 132 1.48 -24.60 -32.32
N GLU A 133 1.87 -29.05 -27.52
CA GLU A 133 1.13 -30.03 -26.70
C GLU A 133 0.74 -29.57 -25.30
N ASN A 134 1.36 -28.49 -24.84
CA ASN A 134 1.17 -27.97 -23.49
C ASN A 134 0.46 -26.63 -23.41
N LEU A 135 0.30 -25.94 -24.54
CA LEU A 135 -0.46 -24.71 -24.56
C LEU A 135 -1.89 -24.99 -24.13
N MSE B 2 -11.56 -6.72 1.06
CA MSE B 2 -10.30 -6.79 1.84
C MSE B 2 -9.31 -7.82 1.26
O MSE B 2 -9.73 -8.87 0.78
CB MSE B 2 -10.57 -7.12 3.32
CG MSE B 2 -10.41 -8.60 3.72
SE MSE B 2 -10.80 -9.01 5.57
CE MSE B 2 -12.59 -8.10 5.79
N THR B 3 -8.02 -7.52 1.38
CA THR B 3 -6.94 -8.39 0.94
C THR B 3 -5.90 -8.55 2.03
N THR B 4 -5.29 -9.74 2.04
CA THR B 4 -4.11 -10.02 2.83
C THR B 4 -2.80 -9.72 2.08
N PHE B 5 -2.89 -9.12 0.88
CA PHE B 5 -1.73 -8.65 0.17
C PHE B 5 -0.84 -7.78 1.06
N THR B 6 0.44 -8.11 1.10
CA THR B 6 1.45 -7.25 1.73
C THR B 6 2.62 -7.13 0.78
N LEU B 7 3.15 -5.92 0.65
CA LEU B 7 4.28 -5.69 -0.22
C LEU B 7 5.50 -6.34 0.39
N ASP B 8 6.24 -7.05 -0.47
CA ASP B 8 7.46 -7.70 -0.08
C ASP B 8 8.39 -6.64 0.49
N GLU B 9 9.00 -6.96 1.60
CA GLU B 9 9.92 -6.07 2.31
C GLU B 9 11.03 -5.51 1.43
N ARG B 10 11.57 -6.32 0.50
CA ARG B 10 12.63 -5.82 -0.38
CA ARG B 10 12.62 -5.88 -0.43
C ARG B 10 12.12 -4.82 -1.41
N LEU B 11 10.89 -4.99 -1.91
CA LEU B 11 10.29 -4.00 -2.79
C LEU B 11 9.96 -2.70 -2.01
N GLU B 12 9.57 -2.86 -0.75
CA GLU B 12 9.38 -1.74 0.13
C GLU B 12 10.68 -0.95 0.34
N ARG B 13 11.75 -1.65 0.64
CA ARG B 13 13.06 -1.04 0.85
C ARG B 13 13.63 -0.41 -0.41
N ASP B 14 13.58 -1.15 -1.52
CA ASP B 14 14.20 -0.73 -2.78
C ASP B 14 13.39 0.25 -3.62
N GLY B 15 12.10 0.37 -3.33
CA GLY B 15 11.18 1.21 -4.10
C GLY B 15 10.58 2.31 -3.24
N ILE B 16 10.35 3.48 -3.88
CA ILE B 16 9.78 4.65 -3.24
C ILE B 16 8.33 4.74 -3.71
N PRO B 17 7.36 4.71 -2.78
CA PRO B 17 5.97 4.70 -3.26
C PRO B 17 5.65 6.00 -3.94
N ILE B 18 4.97 5.94 -5.09
CA ILE B 18 4.48 7.16 -5.77
C ILE B 18 2.98 7.20 -5.98
N GLY B 19 2.27 6.11 -5.73
CA GLY B 19 0.83 6.13 -5.97
C GLY B 19 0.28 4.77 -6.17
N THR B 20 -1.03 4.74 -6.31
CA THR B 20 -1.75 3.49 -6.52
C THR B 20 -2.76 3.72 -7.61
N LEU B 21 -2.93 2.68 -8.44
CA LEU B 21 -3.95 2.64 -9.49
C LEU B 21 -5.11 1.78 -8.92
N GLY B 22 -5.73 0.90 -9.71
CA GLY B 22 -6.82 0.06 -9.19
C GLY B 22 -6.20 -1.20 -8.65
N LEU B 23 -5.54 -1.93 -9.53
CA LEU B 23 -4.93 -3.20 -9.15
C LEU B 23 -3.58 -2.96 -8.46
N CYS B 24 -2.73 -2.15 -9.07
CA CYS B 24 -1.32 -2.11 -8.71
C CYS B 24 -0.98 -0.90 -7.85
N GLN B 25 -0.10 -1.11 -6.87
CA GLN B 25 0.65 -0.02 -6.25
C GLN B 25 1.81 0.26 -7.15
N MSE B 26 2.21 1.53 -7.19
CA MSE B 26 3.34 1.96 -8.02
C MSE B 26 4.46 2.45 -7.12
O MSE B 26 4.21 3.29 -6.23
CB MSE B 26 2.97 3.09 -8.98
CG MSE B 26 1.84 2.76 -9.98
SE MSE B 26 1.38 4.37 -11.04
CE MSE B 26 3.11 4.58 -11.82
N ARG B 27 5.66 1.94 -7.38
CA ARG B 27 6.87 2.42 -6.72
C ARG B 27 7.91 2.82 -7.73
N LEU B 28 8.73 3.77 -7.33
CA LEU B 28 9.87 4.23 -8.11
C LEU B 28 11.06 3.52 -7.53
N MSE B 29 11.71 2.71 -8.34
CA MSE B 29 12.90 1.98 -7.91
CA MSE B 29 12.89 1.99 -7.89
C MSE B 29 13.94 2.99 -7.53
O MSE B 29 14.19 3.97 -8.31
CB MSE B 29 13.41 1.10 -9.05
CB MSE B 29 13.41 1.06 -8.98
CG MSE B 29 14.55 0.19 -8.66
CG MSE B 29 12.53 -0.15 -9.15
SE MSE B 29 13.95 -1.26 -7.54
SE MSE B 29 12.47 -1.24 -7.53
CE MSE B 29 12.04 -0.91 -7.52
CE MSE B 29 14.40 -1.42 -7.26
N ASN B 30 14.55 2.82 -6.38
CA ASN B 30 15.47 3.83 -5.90
C ASN B 30 16.84 3.69 -6.58
N ASP B 31 16.83 3.94 -7.90
CA ASP B 31 18.01 3.86 -8.77
C ASP B 31 17.77 4.86 -9.89
N ARG B 32 18.45 5.99 -9.77
CA ARG B 32 18.26 7.16 -10.63
C ARG B 32 18.93 7.01 -11.98
N ARG B 33 19.78 6.01 -12.15
CA ARG B 33 20.41 5.75 -13.44
C ARG B 33 19.42 5.63 -14.63
N TRP B 34 18.27 5.05 -14.39
CA TRP B 34 17.20 4.99 -15.38
C TRP B 34 15.89 5.28 -14.67
N PRO B 35 14.97 6.03 -15.31
CA PRO B 35 13.66 6.17 -14.67
C PRO B 35 12.92 4.83 -14.64
N TRP B 36 12.73 4.27 -13.47
CA TRP B 36 12.41 2.86 -13.31
C TRP B 36 11.32 2.69 -12.27
N LEU B 37 10.14 2.23 -12.73
CA LEU B 37 8.99 2.01 -11.90
C LEU B 37 8.71 0.52 -11.76
N ILE B 38 8.04 0.16 -10.67
CA ILE B 38 7.46 -1.18 -10.53
C ILE B 38 5.98 -1.03 -10.17
N LEU B 39 5.17 -1.90 -10.75
CA LEU B 39 3.75 -1.99 -10.50
C LEU B 39 3.60 -3.28 -9.73
N VAL B 40 3.03 -3.24 -8.53
CA VAL B 40 2.78 -4.43 -7.74
C VAL B 40 1.29 -4.65 -7.60
N PRO B 41 0.74 -5.71 -8.26
CA PRO B 41 -0.67 -5.98 -8.11
C PRO B 41 -0.97 -6.42 -6.70
N GLN B 42 -2.04 -5.88 -6.15
CA GLN B 42 -2.37 -5.99 -4.76
C GLN B 42 -3.27 -7.21 -4.59
N ARG B 43 -2.68 -8.37 -4.85
CA ARG B 43 -3.35 -9.64 -4.69
C ARG B 43 -2.42 -10.57 -3.94
N ALA B 44 -2.98 -11.29 -2.97
CA ALA B 44 -2.19 -12.11 -2.08
C ALA B 44 -1.53 -13.25 -2.86
N ASP B 45 -0.26 -13.49 -2.56
CA ASP B 45 0.51 -14.68 -2.93
C ASP B 45 0.51 -15.03 -4.44
N ILE B 46 0.75 -14.01 -5.26
CA ILE B 46 0.87 -14.16 -6.71
C ILE B 46 2.34 -14.05 -7.13
N LYS B 47 2.80 -15.07 -7.86
CA LYS B 47 4.18 -15.13 -8.35
C LYS B 47 4.22 -14.93 -9.88
N GLU B 48 3.38 -15.65 -10.61
CA GLU B 48 3.36 -15.58 -12.08
C GLU B 48 2.18 -14.74 -12.52
N VAL B 49 2.34 -14.06 -13.65
CA VAL B 49 1.27 -13.26 -14.21
CA VAL B 49 1.24 -13.25 -14.18
C VAL B 49 -0.03 -14.12 -14.39
N PHE B 50 0.14 -15.35 -14.84
CA PHE B 50 -0.98 -16.26 -15.12
C PHE B 50 -1.63 -16.90 -13.88
N GLU B 51 -1.10 -16.61 -12.70
CA GLU B 51 -1.74 -16.97 -11.44
C GLU B 51 -2.78 -15.92 -11.02
N LEU B 52 -2.71 -14.70 -11.58
CA LEU B 52 -3.79 -13.72 -11.41
C LEU B 52 -5.06 -14.25 -12.06
N THR B 53 -6.24 -13.83 -11.59
CA THR B 53 -7.45 -14.16 -12.34
C THR B 53 -7.35 -13.51 -13.70
N PRO B 54 -8.07 -14.04 -14.70
CA PRO B 54 -8.03 -13.41 -16.00
C PRO B 54 -8.41 -11.93 -16.01
N LEU B 55 -9.42 -11.51 -15.24
CA LEU B 55 -9.73 -10.08 -15.11
C LEU B 55 -8.56 -9.26 -14.59
N ASP B 56 -7.89 -9.77 -13.57
CA ASP B 56 -6.66 -9.14 -13.07
C ASP B 56 -5.52 -9.12 -14.08
N GLN B 57 -5.40 -10.17 -14.90
CA GLN B 57 -4.41 -10.19 -15.95
C GLN B 57 -4.66 -9.03 -16.92
N ALA B 58 -5.95 -8.85 -17.32
CA ALA B 58 -6.30 -7.75 -18.25
C ALA B 58 -6.01 -6.40 -17.60
N MSE B 59 -6.40 -6.27 -16.34
CA MSE B 59 -6.13 -5.05 -15.56
C MSE B 59 -4.64 -4.75 -15.45
O MSE B 59 -4.24 -3.59 -15.59
CB MSE B 59 -6.77 -5.16 -14.17
CG MSE B 59 -6.82 -3.87 -13.38
SE MSE B 59 -7.78 -2.43 -14.25
CE MSE B 59 -9.58 -2.99 -13.64
N LEU B 60 -3.82 -5.79 -15.23
CA LEU B 60 -2.37 -5.61 -15.15
C LEU B 60 -1.84 -5.03 -16.45
N THR B 61 -2.30 -5.55 -17.58
CA THR B 61 -1.87 -5.02 -18.88
C THR B 61 -2.28 -3.56 -19.07
N PHE B 62 -3.53 -3.24 -18.74
CA PHE B 62 -4.07 -1.87 -18.88
C PHE B 62 -3.22 -0.88 -18.04
N GLU B 63 -2.97 -1.26 -16.80
CA GLU B 63 -2.19 -0.42 -15.90
C GLU B 63 -0.74 -0.34 -16.34
N THR B 64 -0.18 -1.46 -16.75
CA THR B 64 1.20 -1.46 -17.22
C THR B 64 1.34 -0.51 -18.42
N ASN B 65 0.41 -0.58 -19.36
CA ASN B 65 0.51 0.21 -20.59
C ASN B 65 0.19 1.68 -20.37
N LEU B 66 -0.77 1.97 -19.49
CA LEU B 66 -1.04 3.32 -19.01
C LEU B 66 0.24 3.95 -18.40
N VAL B 67 0.91 3.19 -17.54
CA VAL B 67 2.14 3.67 -16.90
C VAL B 67 3.28 3.84 -17.94
N ALA B 68 3.40 2.91 -18.87
CA ALA B 68 4.41 2.93 -19.90
C ALA B 68 4.21 4.16 -20.77
N ALA B 69 2.97 4.44 -21.16
CA ALA B 69 2.68 5.65 -21.94
C ALA B 69 2.95 6.89 -21.11
N GLY B 70 2.55 6.88 -19.85
CA GLY B 70 2.79 8.04 -18.97
C GLY B 70 4.26 8.30 -18.67
N LEU B 71 5.00 7.21 -18.38
CA LEU B 71 6.45 7.32 -18.15
C LEU B 71 7.21 7.84 -19.39
N LYS B 72 6.84 7.37 -20.60
CA LYS B 72 7.46 7.91 -21.84
C LYS B 72 7.27 9.43 -21.97
N LYS B 73 6.03 9.89 -21.74
CA LYS B 73 5.71 11.30 -21.77
C LYS B 73 6.52 12.05 -20.71
N ALA B 74 6.58 11.50 -19.52
CA ALA B 74 7.24 12.16 -18.39
C ALA B 74 8.74 12.33 -18.62
N THR B 75 9.36 11.39 -19.33
CA THR B 75 10.82 11.27 -19.42
C THR B 75 11.39 11.58 -20.80
N GLY B 76 10.56 11.72 -21.82
CA GLY B 76 11.03 11.77 -23.22
C GLY B 76 11.76 10.52 -23.64
N ALA B 77 11.34 9.36 -23.15
CA ALA B 77 12.10 8.13 -23.35
C ALA B 77 12.06 7.80 -24.83
N GLU B 78 13.17 7.28 -25.35
CA GLU B 78 13.16 6.73 -26.72
CA GLU B 78 13.22 6.70 -26.70
C GLU B 78 12.44 5.38 -26.72
N LYS B 79 12.55 4.63 -25.64
CA LYS B 79 11.92 3.33 -25.56
C LYS B 79 11.58 2.99 -24.13
N ILE B 80 10.44 2.33 -23.95
CA ILE B 80 10.04 1.78 -22.67
C ILE B 80 10.36 0.30 -22.65
N ASN B 81 10.94 -0.17 -21.55
CA ASN B 81 11.16 -1.60 -21.32
C ASN B 81 10.23 -2.10 -20.22
N ILE B 82 9.58 -3.23 -20.46
CA ILE B 82 8.67 -3.81 -19.51
C ILE B 82 9.14 -5.23 -19.25
N GLY B 83 9.22 -5.59 -17.98
CA GLY B 83 9.67 -6.90 -17.57
C GLY B 83 8.92 -7.36 -16.34
N ALA B 84 8.44 -8.60 -16.40
CA ALA B 84 7.98 -9.32 -15.20
C ALA B 84 8.88 -10.51 -15.03
N LEU B 85 9.85 -10.39 -14.12
CA LEU B 85 10.93 -11.37 -14.03
C LEU B 85 10.69 -12.20 -12.75
N GLY B 86 11.02 -11.64 -11.59
CA GLY B 86 10.69 -12.27 -10.34
C GLY B 86 11.56 -13.45 -9.94
N ASN B 87 12.83 -13.44 -10.36
CA ASN B 87 13.78 -14.46 -9.94
C ASN B 87 14.36 -14.17 -8.56
N ILE B 88 14.46 -12.87 -8.23
CA ILE B 88 14.96 -12.35 -6.96
C ILE B 88 13.80 -12.10 -5.95
N VAL B 89 12.79 -11.30 -6.31
CA VAL B 89 11.57 -11.17 -5.49
C VAL B 89 10.45 -11.91 -6.18
N ARG B 90 9.94 -12.98 -5.56
CA ARG B 90 8.94 -13.85 -6.18
CA ARG B 90 8.96 -13.86 -6.21
C ARG B 90 7.58 -13.16 -6.32
N GLN B 91 7.25 -12.29 -5.38
CA GLN B 91 6.01 -11.50 -5.49
C GLN B 91 5.92 -10.80 -6.84
N LEU B 92 4.79 -11.00 -7.53
CA LEU B 92 4.61 -10.47 -8.86
C LEU B 92 4.74 -8.96 -8.83
N HIS B 93 5.65 -8.46 -9.67
CA HIS B 93 5.80 -7.04 -9.88
C HIS B 93 6.32 -6.83 -11.27
N VAL B 94 5.86 -5.76 -11.91
CA VAL B 94 6.20 -5.47 -13.28
C VAL B 94 7.08 -4.27 -13.31
N HIS B 95 8.26 -4.42 -13.91
CA HIS B 95 9.19 -3.33 -14.08
C HIS B 95 8.78 -2.57 -15.29
N VAL B 96 8.72 -1.25 -15.21
CA VAL B 96 8.43 -0.38 -16.33
C VAL B 96 9.46 0.73 -16.34
N ILE B 97 10.29 0.76 -17.39
CA ILE B 97 11.55 1.48 -17.39
C ILE B 97 11.71 2.36 -18.64
N ALA B 98 12.08 3.63 -18.43
CA ALA B 98 12.34 4.58 -19.51
C ALA B 98 13.76 4.40 -19.97
N ARG B 99 13.94 4.15 -21.26
CA ARG B 99 15.27 3.99 -21.85
C ARG B 99 15.53 4.98 -22.96
N ARG B 100 16.81 5.25 -23.16
CA ARG B 100 17.29 6.01 -24.30
C ARG B 100 18.76 5.67 -24.62
N GLU B 101 19.11 5.77 -25.90
CA GLU B 101 20.48 5.62 -26.33
C GLU B 101 21.41 6.48 -25.48
N GLY B 102 22.55 5.91 -25.10
CA GLY B 102 23.47 6.60 -24.19
C GLY B 102 23.23 6.33 -22.72
N ASP B 103 22.06 5.82 -22.31
CA ASP B 103 21.84 5.57 -20.90
C ASP B 103 22.68 4.34 -20.44
N PRO B 104 22.81 4.17 -19.11
CA PRO B 104 23.75 3.14 -18.66
C PRO B 104 23.37 1.72 -19.15
N ASN B 105 24.39 1.01 -19.64
CA ASN B 105 24.28 -0.29 -20.32
C ASN B 105 23.42 -0.34 -21.59
N TRP B 106 23.03 0.81 -22.16
CA TRP B 106 22.27 0.80 -23.40
C TRP B 106 23.05 0.01 -24.46
N PRO B 107 22.41 -0.87 -25.23
CA PRO B 107 20.99 -1.22 -25.31
C PRO B 107 20.57 -2.38 -24.43
N GLY B 108 21.47 -2.91 -23.62
CA GLY B 108 21.18 -4.05 -22.78
C GLY B 108 20.28 -3.74 -21.57
N PRO B 109 20.04 -4.75 -20.73
CA PRO B 109 19.09 -4.59 -19.63
C PRO B 109 19.65 -3.81 -18.43
N VAL B 110 18.77 -3.16 -17.70
CA VAL B 110 19.12 -2.49 -16.45
C VAL B 110 19.32 -3.49 -15.31
N TRP B 111 18.65 -4.64 -15.42
CA TRP B 111 18.60 -5.60 -14.34
C TRP B 111 19.95 -6.23 -14.19
N GLY B 112 20.44 -6.19 -12.97
CA GLY B 112 21.75 -6.74 -12.64
C GLY B 112 22.93 -5.90 -13.07
N PHE B 113 22.71 -4.76 -13.73
CA PHE B 113 23.82 -3.94 -14.22
C PHE B 113 24.29 -2.94 -13.16
N GLY B 114 25.53 -3.11 -12.71
CA GLY B 114 26.24 -2.12 -11.90
C GLY B 114 25.63 -1.90 -10.53
N LYS B 115 25.84 -0.71 -9.96
CA LYS B 115 25.46 -0.39 -8.59
CA LYS B 115 25.47 -0.39 -8.59
C LYS B 115 24.43 0.73 -8.59
N ALA B 116 23.36 0.55 -7.84
CA ALA B 116 22.28 1.53 -7.77
C ALA B 116 22.77 2.91 -7.25
N GLU B 117 22.19 3.97 -7.78
CA GLU B 117 22.52 5.34 -7.44
C GLU B 117 21.24 5.92 -6.90
N PRO B 118 21.11 6.06 -5.55
CA PRO B 118 19.84 6.49 -4.97
C PRO B 118 19.39 7.86 -5.47
N TRP B 119 18.07 8.05 -5.54
CA TRP B 119 17.50 9.35 -5.87
C TRP B 119 17.68 10.36 -4.73
N PRO B 120 18.13 11.63 -5.02
CA PRO B 120 18.01 12.67 -3.98
C PRO B 120 16.53 12.93 -3.64
N GLU B 121 16.27 13.32 -2.40
CA GLU B 121 14.91 13.38 -1.88
C GLU B 121 14.02 14.26 -2.72
N GLU B 122 14.44 15.52 -2.91
CA GLU B 122 13.68 16.49 -3.69
C GLU B 122 13.47 16.04 -5.12
N GLU B 123 14.47 15.39 -5.70
CA GLU B 123 14.39 15.00 -7.10
C GLU B 123 13.32 13.90 -7.28
N HIS B 124 13.31 12.89 -6.40
CA HIS B 124 12.31 11.81 -6.58
C HIS B 124 10.89 12.29 -6.30
N ARG B 125 10.73 13.23 -5.36
CA ARG B 125 9.45 13.89 -5.16
C ARG B 125 8.95 14.61 -6.42
N THR B 126 9.85 15.37 -7.05
CA THR B 126 9.50 16.07 -8.27
C THR B 126 9.16 15.11 -9.39
N PHE B 127 9.99 14.07 -9.53
CA PHE B 127 9.75 13.12 -10.59
C PHE B 127 8.46 12.34 -10.36
N ALA B 128 8.16 11.98 -9.12
CA ALA B 128 6.91 11.27 -8.81
C ALA B 128 5.69 12.09 -9.25
N ALA B 129 5.66 13.38 -8.93
CA ALA B 129 4.55 14.26 -9.35
C ALA B 129 4.39 14.26 -10.86
N ARG B 130 5.51 14.38 -11.56
CA ARG B 130 5.49 14.39 -13.02
C ARG B 130 4.98 13.11 -13.65
N ILE B 131 5.31 11.96 -13.07
CA ILE B 131 4.75 10.68 -13.54
C ILE B 131 3.24 10.76 -13.39
N MSE B 132 2.79 11.09 -12.18
CA MSE B 132 1.37 11.05 -11.86
C MSE B 132 0.56 12.04 -12.73
O MSE B 132 -0.55 11.68 -13.15
CB MSE B 132 1.14 11.30 -10.35
CG MSE B 132 1.77 10.26 -9.39
SE MSE B 132 1.49 8.42 -9.81
CE MSE B 132 -0.41 8.72 -9.59
N GLU B 133 1.10 13.21 -13.02
CA GLU B 133 0.54 14.17 -14.00
C GLU B 133 0.29 13.60 -15.38
N ASN B 134 1.16 12.71 -15.82
CA ASN B 134 1.15 12.19 -17.19
C ASN B 134 0.43 10.85 -17.40
N LEU B 135 -0.11 10.25 -16.34
CA LEU B 135 -0.81 8.97 -16.46
C LEU B 135 -2.20 9.18 -17.03
N MSE C 2 -7.29 6.54 -9.61
CA MSE C 2 -5.91 6.52 -9.07
C MSE C 2 -5.73 7.54 -7.97
O MSE C 2 -6.52 8.47 -7.87
CB MSE C 2 -4.90 6.83 -10.19
CG MSE C 2 -4.87 8.29 -10.63
SE MSE C 2 -3.56 8.61 -11.99
CE MSE C 2 -4.51 7.71 -13.49
N THR C 3 -4.67 7.38 -7.19
CA THR C 3 -4.35 8.23 -6.06
C THR C 3 -2.86 8.42 -5.98
N THR C 4 -2.50 9.64 -5.62
CA THR C 4 -1.15 10.01 -5.31
C THR C 4 -0.85 9.69 -3.83
N PHE C 5 -1.81 9.19 -3.04
CA PHE C 5 -1.48 8.64 -1.71
C PHE C 5 -0.18 7.83 -1.70
N THR C 6 0.73 8.16 -0.79
CA THR C 6 1.89 7.35 -0.51
C THR C 6 2.07 7.30 0.99
N LEU C 7 2.42 6.14 1.51
CA LEU C 7 2.61 5.96 2.94
C LEU C 7 3.84 6.76 3.39
N ASP C 8 3.66 7.54 4.45
CA ASP C 8 4.78 8.19 5.11
C ASP C 8 5.89 7.19 5.39
N GLU C 9 7.13 7.54 5.03
CA GLU C 9 8.32 6.65 5.19
C GLU C 9 8.47 6.09 6.60
N ARG C 10 8.09 6.87 7.63
CA ARG C 10 8.16 6.42 9.01
C ARG C 10 7.15 5.33 9.35
N LEU C 11 5.92 5.44 8.84
CA LEU C 11 4.91 4.40 9.01
C LEU C 11 5.30 3.14 8.27
N GLU C 12 5.94 3.35 7.13
CA GLU C 12 6.47 2.26 6.34
C GLU C 12 7.56 1.52 7.10
N ARG C 13 8.49 2.27 7.65
CA ARG C 13 9.59 1.69 8.42
C ARG C 13 9.14 1.08 9.74
N ASP C 14 8.24 1.72 10.44
CA ASP C 14 7.84 1.30 11.81
C ASP C 14 6.75 0.26 11.86
N GLY C 15 6.05 0.09 10.73
CA GLY C 15 4.90 -0.78 10.62
C GLY C 15 5.23 -1.91 9.67
N ILE C 16 4.74 -3.10 9.97
CA ILE C 16 4.84 -4.28 9.13
C ILE C 16 3.49 -4.42 8.41
N PRO C 17 3.45 -4.42 7.06
CA PRO C 17 2.16 -4.48 6.41
C PRO C 17 1.50 -5.82 6.71
N ILE C 18 0.21 -5.80 7.05
CA ILE C 18 -0.55 -7.06 7.22
C ILE C 18 -1.75 -7.22 6.27
N GLY C 19 -2.17 -6.17 5.57
CA GLY C 19 -3.29 -6.28 4.62
C GLY C 19 -3.91 -4.96 4.32
N THR C 20 -4.94 -4.97 3.47
CA THR C 20 -5.66 -3.74 3.10
C THR C 20 -7.16 -3.94 3.20
N LEU C 21 -7.86 -2.90 3.63
CA LEU C 21 -9.32 -2.93 3.73
C LEU C 21 -9.85 -2.12 2.51
N GLY C 22 -10.94 -1.37 2.63
CA GLY C 22 -11.40 -0.57 1.51
C GLY C 22 -10.61 0.71 1.48
N LEU C 23 -10.76 1.49 2.53
CA LEU C 23 -10.14 2.79 2.64
C LEU C 23 -8.72 2.64 3.15
N CYS C 24 -8.55 1.82 4.19
CA CYS C 24 -7.29 1.79 4.92
C CYS C 24 -6.38 0.60 4.62
N GLN C 25 -5.10 0.93 4.50
CA GLN C 25 -4.05 -0.03 4.69
C GLN C 25 -3.86 -0.30 6.17
N MSE C 26 -3.57 -1.55 6.51
CA MSE C 26 -3.34 -1.96 7.87
C MSE C 26 -1.88 -2.42 8.03
O MSE C 26 -1.41 -3.21 7.21
CB MSE C 26 -4.24 -3.11 8.23
CG MSE C 26 -5.76 -2.86 8.02
SE MSE C 26 -6.69 -4.45 8.58
CE MSE C 26 -5.85 -4.51 10.34
N ARG C 27 -1.23 -1.93 9.08
CA ARG C 27 0.12 -2.34 9.44
C ARG C 27 0.19 -2.72 10.90
N LEU C 28 1.09 -3.64 11.23
CA LEU C 28 1.37 -3.97 12.62
C LEU C 28 2.52 -3.10 13.05
N MSE C 29 2.31 -2.23 14.04
CA MSE C 29 3.39 -1.46 14.63
CA MSE C 29 3.41 -1.45 14.61
C MSE C 29 4.42 -2.44 15.14
O MSE C 29 4.08 -3.39 15.84
CB MSE C 29 2.88 -0.60 15.81
CB MSE C 29 2.96 -0.53 15.74
CG MSE C 29 3.91 0.33 16.40
CG MSE C 29 2.24 0.68 15.23
SE MSE C 29 4.51 1.67 15.13
SE MSE C 29 3.39 1.84 14.21
CE MSE C 29 3.29 1.28 13.66
CE MSE C 29 4.74 2.17 15.58
N ASN C 30 5.69 -2.21 14.77
CA ASN C 30 6.73 -3.16 15.11
C ASN C 30 7.21 -3.00 16.58
N ASP C 31 6.33 -3.34 17.49
CA ASP C 31 6.56 -3.25 18.92
C ASP C 31 5.63 -4.28 19.52
N ARG C 32 6.18 -5.46 19.84
CA ARG C 32 5.45 -6.58 20.42
C ARG C 32 5.01 -6.37 21.87
N ARG C 33 5.41 -5.28 22.50
CA ARG C 33 4.98 -4.99 23.86
C ARG C 33 3.47 -4.96 24.02
N TRP C 34 2.76 -4.48 23.00
CA TRP C 34 1.32 -4.51 22.98
C TRP C 34 0.93 -4.85 21.55
N PRO C 35 -0.07 -5.73 21.37
CA PRO C 35 -0.58 -5.92 20.03
C PRO C 35 -1.17 -4.60 19.48
N TRP C 36 -0.51 -4.01 18.48
CA TRP C 36 -0.71 -2.61 18.07
C TRP C 36 -0.76 -2.47 16.55
N LEU C 37 -1.95 -2.12 16.04
CA LEU C 37 -2.19 -1.93 14.63
C LEU C 37 -2.32 -0.43 14.29
N ILE C 38 -2.00 -0.10 13.03
CA ILE C 38 -2.32 1.23 12.48
C ILE C 38 -3.11 1.08 11.18
N LEU C 39 -4.14 1.91 11.03
CA LEU C 39 -4.94 1.96 9.83
C LEU C 39 -4.55 3.29 9.18
N VAL C 40 -4.16 3.24 7.91
CA VAL C 40 -3.79 4.45 7.15
C VAL C 40 -4.76 4.65 5.97
N PRO C 41 -5.71 5.59 6.09
CA PRO C 41 -6.58 5.82 4.96
C PRO C 41 -5.79 6.21 3.71
N GLN C 42 -6.14 5.63 2.57
CA GLN C 42 -5.35 5.78 1.34
C GLN C 42 -5.88 6.96 0.55
N ARG C 43 -5.70 8.13 1.12
CA ARG C 43 -6.09 9.39 0.53
C ARG C 43 -4.91 10.31 0.69
N ALA C 44 -4.58 11.04 -0.38
CA ALA C 44 -3.48 11.98 -0.41
C ALA C 44 -3.63 13.12 0.59
N ASP C 45 -2.55 13.40 1.32
CA ASP C 45 -2.39 14.66 2.04
C ASP C 45 -3.49 14.97 3.06
N ILE C 46 -3.89 13.94 3.81
CA ILE C 46 -4.87 14.07 4.87
C ILE C 46 -4.11 14.02 6.20
N LYS C 47 -4.42 14.94 7.12
CA LYS C 47 -3.75 15.01 8.44
CA LYS C 47 -3.75 14.99 8.43
C LYS C 47 -4.71 14.78 9.59
N GLU C 48 -5.86 15.43 9.55
CA GLU C 48 -6.90 15.35 10.58
C GLU C 48 -8.03 14.49 10.04
N VAL C 49 -8.69 13.76 10.94
CA VAL C 49 -9.84 12.92 10.56
CA VAL C 49 -9.85 12.92 10.56
C VAL C 49 -10.91 13.74 9.81
N PHE C 50 -11.15 14.96 10.26
CA PHE C 50 -12.19 15.81 9.64
C PHE C 50 -11.80 16.42 8.28
N GLU C 51 -10.58 16.19 7.80
CA GLU C 51 -10.16 16.60 6.46
C GLU C 51 -10.52 15.57 5.41
N LEU C 52 -10.85 14.35 5.85
CA LEU C 52 -11.47 13.36 5.01
C LEU C 52 -12.81 13.88 4.57
N THR C 53 -13.31 13.40 3.44
CA THR C 53 -14.69 13.58 3.09
C THR C 53 -15.57 12.88 4.12
N PRO C 54 -16.82 13.32 4.30
CA PRO C 54 -17.65 12.62 5.27
C PRO C 54 -17.83 11.15 4.95
N LEU C 55 -17.99 10.77 3.67
CA LEU C 55 -18.07 9.34 3.31
C LEU C 55 -16.83 8.56 3.75
N ASP C 56 -15.65 9.15 3.58
CA ASP C 56 -14.40 8.54 4.13
C ASP C 56 -14.31 8.55 5.65
N GLN C 57 -14.87 9.59 6.28
CA GLN C 57 -14.94 9.64 7.75
C GLN C 57 -15.75 8.45 8.26
N ALA C 58 -16.90 8.21 7.62
CA ALA C 58 -17.79 7.11 8.02
C ALA C 58 -17.12 5.78 7.73
N MSE C 59 -16.45 5.68 6.59
CA MSE C 59 -15.70 4.48 6.25
C MSE C 59 -14.52 4.25 7.22
O MSE C 59 -14.28 3.13 7.67
CB MSE C 59 -15.19 4.57 4.82
CG MSE C 59 -14.57 3.27 4.28
SE MSE C 59 -15.75 1.73 4.27
CE MSE C 59 -16.67 2.28 2.62
N LEU C 60 -13.80 5.30 7.56
CA LEU C 60 -12.73 5.15 8.57
C LEU C 60 -13.22 4.55 9.90
N THR C 61 -14.37 5.00 10.38
CA THR C 61 -15.00 4.48 11.59
C THR C 61 -15.41 3.03 11.42
N PHE C 62 -16.01 2.72 10.27
CA PHE C 62 -16.42 1.36 10.00
C PHE C 62 -15.21 0.42 10.07
N GLU C 63 -14.14 0.82 9.39
CA GLU C 63 -12.93 0.01 9.35
C GLU C 63 -12.21 -0.05 10.70
N THR C 64 -12.08 1.09 11.35
CA THR C 64 -11.49 1.16 12.69
C THR C 64 -12.24 0.26 13.65
N ASN C 65 -13.58 0.27 13.60
CA ASN C 65 -14.37 -0.51 14.55
C ASN C 65 -14.33 -2.01 14.26
N LEU C 66 -14.45 -2.37 12.98
CA LEU C 66 -14.18 -3.72 12.51
C LEU C 66 -12.83 -4.23 13.02
N VAL C 67 -11.77 -3.47 12.78
CA VAL C 67 -10.42 -3.88 13.23
C VAL C 67 -10.33 -3.93 14.76
N ALA C 68 -10.94 -2.98 15.47
CA ALA C 68 -10.93 -2.99 16.95
C ALA C 68 -11.61 -4.25 17.49
N ALA C 69 -12.75 -4.60 16.93
CA ALA C 69 -13.45 -5.83 17.32
C ALA C 69 -12.64 -7.07 16.99
N GLY C 70 -12.09 -7.12 15.80
CA GLY C 70 -11.19 -8.20 15.40
C GLY C 70 -9.95 -8.39 16.26
N LEU C 71 -9.28 -7.29 16.57
CA LEU C 71 -8.12 -7.30 17.45
C LEU C 71 -8.45 -7.81 18.85
N LYS C 72 -9.60 -7.40 19.41
CA LYS C 72 -10.01 -7.87 20.72
C LYS C 72 -10.24 -9.39 20.68
N LYS C 73 -10.99 -9.84 19.67
CA LYS C 73 -11.19 -11.29 19.45
C LYS C 73 -9.87 -12.04 19.34
N ALA C 74 -8.98 -11.48 18.55
CA ALA C 74 -7.73 -12.13 18.22
C ALA C 74 -6.77 -12.21 19.40
N THR C 75 -6.87 -11.28 20.35
CA THR C 75 -5.92 -11.20 21.48
C THR C 75 -6.50 -11.51 22.86
N GLY C 76 -7.82 -11.62 22.97
CA GLY C 76 -8.45 -11.76 24.28
C GLY C 76 -8.25 -10.50 25.13
N ALA C 77 -8.04 -9.33 24.50
CA ALA C 77 -7.74 -8.10 25.24
C ALA C 77 -8.85 -7.77 26.21
N GLU C 78 -8.49 -7.24 27.36
CA GLU C 78 -9.47 -6.62 28.23
C GLU C 78 -10.03 -5.34 27.64
N LYS C 79 -9.22 -4.57 26.90
CA LYS C 79 -9.68 -3.28 26.41
C LYS C 79 -8.96 -2.90 25.15
N ILE C 80 -9.67 -2.30 24.20
CA ILE C 80 -9.03 -1.76 23.02
C ILE C 80 -8.84 -0.27 23.25
N ASN C 81 -7.70 0.26 22.81
CA ASN C 81 -7.46 1.69 22.79
C ASN C 81 -7.34 2.14 21.35
N ILE C 82 -7.97 3.27 21.03
CA ILE C 82 -8.00 3.81 19.69
C ILE C 82 -7.46 5.26 19.76
N GLY C 83 -6.63 5.61 18.79
CA GLY C 83 -6.01 6.93 18.79
C GLY C 83 -5.68 7.46 17.44
N ALA C 84 -6.03 8.72 17.19
CA ALA C 84 -5.58 9.47 16.01
C ALA C 84 -4.92 10.67 16.60
N LEU C 85 -3.59 10.67 16.60
CA LEU C 85 -2.81 11.64 17.32
C LEU C 85 -2.13 12.47 16.25
N GLY C 86 -1.08 11.96 15.61
CA GLY C 86 -0.42 12.65 14.52
C GLY C 86 0.39 13.87 14.86
N ASN C 87 0.86 13.90 16.11
CA ASN C 87 1.73 14.93 16.57
C ASN C 87 3.09 14.80 15.90
N ILE C 88 3.57 13.55 15.76
CA ILE C 88 4.85 13.27 15.13
C ILE C 88 4.70 13.01 13.62
N VAL C 89 3.98 11.97 13.26
CA VAL C 89 3.70 11.67 11.85
C VAL C 89 2.34 12.26 11.49
N ARG C 90 2.35 13.27 10.64
CA ARG C 90 1.14 14.06 10.39
C ARG C 90 0.12 13.37 9.49
N GLN C 91 0.57 12.46 8.65
CA GLN C 91 -0.31 11.68 7.82
C GLN C 91 -1.27 10.94 8.69
N LEU C 92 -2.54 11.04 8.34
CA LEU C 92 -3.59 10.47 9.16
C LEU C 92 -3.42 8.97 9.29
N HIS C 93 -3.35 8.53 10.53
CA HIS C 93 -3.32 7.13 10.81
C HIS C 93 -3.94 6.94 12.18
N VAL C 94 -4.65 5.82 12.33
CA VAL C 94 -5.39 5.50 13.52
C VAL C 94 -4.76 4.29 14.17
N HIS C 95 -4.36 4.44 15.44
CA HIS C 95 -3.81 3.38 16.25
C HIS C 95 -4.94 2.56 16.84
N VAL C 96 -4.86 1.24 16.79
CA VAL C 96 -5.84 0.32 17.42
C VAL C 96 -5.02 -0.68 18.19
N ILE C 97 -5.07 -0.62 19.51
CA ILE C 97 -4.15 -1.31 20.39
C ILE C 97 -4.91 -2.21 21.40
N ALA C 98 -4.44 -3.43 21.59
CA ALA C 98 -5.01 -4.38 22.52
C ALA C 98 -4.32 -4.18 23.86
N ARG C 99 -5.12 -3.97 24.92
CA ARG C 99 -4.62 -3.75 26.27
C ARG C 99 -5.12 -4.74 27.28
N ARG C 100 -4.35 -4.91 28.33
CA ARG C 100 -4.80 -5.63 29.51
C ARG C 100 -4.06 -5.16 30.73
N GLU C 101 -4.66 -5.42 31.87
CA GLU C 101 -4.04 -5.15 33.13
C GLU C 101 -2.73 -5.89 33.20
N GLY C 102 -1.69 -5.18 33.63
CA GLY C 102 -0.36 -5.76 33.73
C GLY C 102 0.47 -5.63 32.48
N ASP C 103 -0.08 -5.15 31.36
CA ASP C 103 0.74 -4.90 30.17
C ASP C 103 1.67 -3.66 30.40
N PRO C 104 2.67 -3.46 29.56
CA PRO C 104 3.59 -2.38 29.89
C PRO C 104 2.92 -0.97 29.95
N ASN C 105 3.18 -0.25 31.03
CA ASN C 105 2.60 1.03 31.35
C ASN C 105 1.11 1.04 31.66
N TRP C 106 0.46 -0.11 31.84
CA TRP C 106 -0.96 -0.14 32.15
C TRP C 106 -1.17 0.66 33.43
N PRO C 107 -2.23 1.51 33.49
CA PRO C 107 -3.32 1.76 32.53
C PRO C 107 -3.05 2.91 31.58
N GLY C 108 -1.84 3.45 31.60
CA GLY C 108 -1.49 4.62 30.82
C GLY C 108 -1.25 4.29 29.38
N PRO C 109 -0.98 5.30 28.56
CA PRO C 109 -0.84 5.11 27.11
C PRO C 109 0.42 4.42 26.64
N VAL C 110 0.34 3.77 25.49
CA VAL C 110 1.51 3.10 24.91
C VAL C 110 2.48 4.11 24.31
N TRP C 111 1.93 5.21 23.80
CA TRP C 111 2.66 6.17 22.97
C TRP C 111 3.71 6.88 23.78
N GLY C 112 4.97 6.77 23.36
CA GLY C 112 6.07 7.42 24.03
C GLY C 112 6.60 6.65 25.23
N PHE C 113 5.98 5.53 25.62
CA PHE C 113 6.47 4.77 26.75
C PHE C 113 7.62 3.86 26.32
N GLY C 114 8.79 4.09 26.92
CA GLY C 114 9.93 3.18 26.85
C GLY C 114 10.45 3.02 25.45
N LYS C 115 10.85 1.80 25.14
CA LYS C 115 11.53 1.48 23.93
C LYS C 115 10.82 0.31 23.27
N ALA C 116 10.53 0.50 21.98
CA ALA C 116 9.92 -0.48 21.13
C ALA C 116 10.74 -1.78 21.10
N GLU C 117 10.04 -2.92 21.14
CA GLU C 117 10.65 -4.22 21.02
C GLU C 117 10.17 -4.87 19.73
N PRO C 118 11.02 -4.98 18.70
CA PRO C 118 10.51 -5.54 17.41
C PRO C 118 9.93 -6.95 17.51
N TRP C 119 8.99 -7.27 16.64
CA TRP C 119 8.47 -8.64 16.54
C TRP C 119 9.50 -9.56 15.93
N PRO C 120 9.75 -10.76 16.52
CA PRO C 120 10.44 -11.79 15.73
C PRO C 120 9.67 -12.11 14.47
N GLU C 121 10.37 -12.50 13.41
CA GLU C 121 9.76 -12.63 12.08
C GLU C 121 8.57 -13.57 12.09
N GLU C 122 8.81 -14.78 12.58
CA GLU C 122 7.76 -15.80 12.58
CA GLU C 122 7.82 -15.85 12.72
C GLU C 122 6.59 -15.35 13.48
N GLU C 123 6.86 -14.71 14.60
CA GLU C 123 5.79 -14.25 15.49
C GLU C 123 4.86 -13.24 14.81
N HIS C 124 5.41 -12.27 14.05
CA HIS C 124 4.51 -11.29 13.39
C HIS C 124 3.76 -11.85 12.17
N ARG C 125 4.32 -12.88 11.56
CA ARG C 125 3.65 -13.56 10.47
C ARG C 125 2.42 -14.28 10.97
N THR C 126 2.57 -15.02 12.06
CA THR C 126 1.43 -15.69 12.69
C THR C 126 0.39 -14.68 13.16
N PHE C 127 0.86 -13.58 13.79
CA PHE C 127 -0.04 -12.60 14.32
C PHE C 127 -0.81 -11.91 13.19
N ALA C 128 -0.18 -11.64 12.05
CA ALA C 128 -0.92 -11.09 10.92
C ALA C 128 -2.06 -12.02 10.51
N ALA C 129 -1.76 -13.33 10.47
CA ALA C 129 -2.76 -14.35 10.16
C ALA C 129 -3.89 -14.30 11.17
N ARG C 130 -3.56 -14.21 12.46
CA ARG C 130 -4.62 -14.12 13.47
C ARG C 130 -5.58 -12.95 13.26
N ILE C 131 -5.04 -11.79 12.89
CA ILE C 131 -5.84 -10.59 12.69
C ILE C 131 -6.70 -10.74 11.45
N MSE C 132 -6.09 -11.10 10.33
CA MSE C 132 -6.79 -11.09 9.06
C MSE C 132 -7.89 -12.15 8.99
O MSE C 132 -8.93 -11.88 8.43
CB MSE C 132 -5.80 -11.15 7.88
CG MSE C 132 -4.82 -9.94 7.79
SE MSE C 132 -5.47 -8.10 7.91
CE MSE C 132 -6.65 -8.34 6.41
N GLU C 133 -7.74 -13.30 9.67
CA GLU C 133 -8.86 -14.24 9.78
CA GLU C 133 -8.81 -14.28 9.92
C GLU C 133 -9.92 -13.85 10.86
N ASN C 134 -9.66 -12.82 11.66
CA ASN C 134 -10.59 -12.35 12.70
C ASN C 134 -11.40 -11.08 12.35
N LEU C 135 -11.27 -10.53 11.15
CA LEU C 135 -12.05 -9.35 10.79
C LEU C 135 -13.45 -9.73 10.33
N GLY D 1 -33.32 4.37 27.60
CA GLY D 1 -32.94 5.46 26.64
C GLY D 1 -32.03 6.49 27.27
N MSE D 2 -31.82 7.61 26.57
CA MSE D 2 -30.84 8.62 26.97
C MSE D 2 -31.17 9.38 28.24
O MSE D 2 -30.26 9.83 28.93
CB MSE D 2 -30.65 9.65 25.86
CG MSE D 2 -30.10 9.09 24.56
SE MSE D 2 -29.45 10.52 23.39
CE MSE D 2 -29.40 9.50 21.73
N THR D 3 -32.45 9.57 28.56
CA THR D 3 -32.85 10.40 29.68
C THR D 3 -32.53 9.76 31.04
N THR D 4 -32.38 8.43 31.07
CA THR D 4 -31.98 7.70 32.27
C THR D 4 -30.46 7.37 32.32
N PHE D 5 -29.72 7.60 31.22
CA PHE D 5 -28.26 7.36 31.19
C PHE D 5 -27.53 8.02 32.37
N THR D 6 -26.61 7.27 33.00
CA THR D 6 -25.86 7.74 34.17
C THR D 6 -24.37 7.88 33.83
N LEU D 7 -23.85 9.11 33.96
CA LEU D 7 -22.46 9.40 33.70
C LEU D 7 -21.63 8.78 34.78
N ASP D 8 -20.53 8.12 34.40
CA ASP D 8 -19.61 7.53 35.37
C ASP D 8 -19.14 8.59 36.35
N GLU D 9 -19.11 8.23 37.64
CA GLU D 9 -18.78 9.16 38.72
C GLU D 9 -17.41 9.84 38.58
N ARG D 10 -16.42 9.20 37.96
CA ARG D 10 -15.11 9.82 37.77
CA ARG D 10 -15.09 9.80 37.76
C ARG D 10 -15.15 10.85 36.66
N LEU D 11 -15.95 10.58 35.62
CA LEU D 11 -16.09 11.54 34.54
C LEU D 11 -16.85 12.76 35.04
N GLU D 12 -17.82 12.50 35.93
CA GLU D 12 -18.57 13.51 36.67
C GLU D 12 -17.62 14.41 37.42
N ARG D 13 -16.72 13.80 38.17
CA ARG D 13 -15.75 14.55 38.98
C ARG D 13 -14.70 15.29 38.16
N ASP D 14 -14.10 14.62 37.17
CA ASP D 14 -12.95 15.17 36.45
C ASP D 14 -13.30 16.09 35.29
N GLY D 15 -14.56 16.06 34.86
CA GLY D 15 -15.06 16.86 33.73
C GLY D 15 -16.02 17.95 34.18
N ILE D 16 -16.00 19.09 33.48
CA ILE D 16 -16.95 20.18 33.65
C ILE D 16 -18.03 20.02 32.57
N PRO D 17 -19.31 19.91 32.96
CA PRO D 17 -20.32 19.82 31.88
C PRO D 17 -20.38 21.06 31.01
N ILE D 18 -20.35 20.95 29.70
CA ILE D 18 -20.51 22.15 28.85
C ILE D 18 -21.64 22.06 27.81
N GLY D 19 -22.41 20.98 27.82
CA GLY D 19 -23.51 20.83 26.85
C GLY D 19 -23.68 19.40 26.37
N THR D 20 -24.73 19.19 25.58
CA THR D 20 -25.06 17.91 25.03
C THR D 20 -25.27 18.10 23.54
N LEU D 21 -24.77 17.16 22.73
CA LEU D 21 -25.07 17.07 21.31
C LEU D 21 -26.27 16.11 21.18
N GLY D 22 -26.40 15.34 20.12
CA GLY D 22 -27.54 14.42 19.98
C GLY D 22 -27.33 13.14 20.76
N LEU D 23 -26.23 12.47 20.45
CA LEU D 23 -25.85 11.27 21.17
C LEU D 23 -25.03 11.61 22.39
N CYS D 24 -24.04 12.52 22.26
CA CYS D 24 -23.02 12.66 23.31
C CYS D 24 -23.19 13.84 24.23
N GLN D 25 -22.93 13.58 25.51
CA GLN D 25 -22.64 14.64 26.44
C GLN D 25 -21.26 15.18 26.15
N MSE D 26 -21.09 16.49 26.29
CA MSE D 26 -19.79 17.08 26.16
C MSE D 26 -19.32 17.57 27.50
O MSE D 26 -20.03 18.33 28.14
CB MSE D 26 -19.85 18.25 25.21
CG MSE D 26 -20.14 17.90 23.76
SE MSE D 26 -19.95 19.58 22.69
CE MSE D 26 -18.13 19.87 23.14
N ARG D 27 -18.11 17.17 27.89
CA ARG D 27 -17.45 17.76 29.06
C ARG D 27 -16.06 18.29 28.74
N LEU D 28 -15.69 19.35 29.45
CA LEU D 28 -14.37 19.89 29.45
C LEU D 28 -13.60 19.20 30.57
N MSE D 29 -12.55 18.49 30.21
CA MSE D 29 -11.69 17.85 31.19
CA MSE D 29 -11.72 17.86 31.21
C MSE D 29 -11.14 18.98 32.00
O MSE D 29 -10.70 20.00 31.43
CB MSE D 29 -10.56 17.05 30.53
CB MSE D 29 -10.65 16.99 30.57
CG MSE D 29 -9.60 16.34 31.51
CG MSE D 29 -11.24 15.70 30.10
SE MSE D 29 -10.46 14.91 32.46
SE MSE D 29 -11.78 14.61 31.59
CE MSE D 29 -10.50 13.63 31.00
CE MSE D 29 -10.00 14.36 32.33
N ASN D 30 -11.16 18.82 33.32
CA ASN D 30 -10.77 19.91 34.14
C ASN D 30 -9.25 19.92 34.30
N ASP D 31 -8.57 20.23 33.20
CA ASP D 31 -7.12 20.28 33.17
C ASP D 31 -6.80 21.31 32.11
N ARG D 32 -6.42 22.51 32.54
CA ARG D 32 -6.19 23.63 31.63
CA ARG D 32 -6.17 23.64 31.65
C ARG D 32 -4.89 23.53 30.84
N ARG D 33 -4.05 22.54 31.15
CA ARG D 33 -2.79 22.37 30.44
C ARG D 33 -2.99 22.20 28.92
N TRP D 34 -4.08 21.55 28.52
CA TRP D 34 -4.45 21.43 27.12
C TRP D 34 -5.96 21.63 27.02
N PRO D 35 -6.45 22.33 25.96
CA PRO D 35 -7.89 22.29 25.74
C PRO D 35 -8.35 20.86 25.39
N TRP D 36 -9.17 20.31 26.26
CA TRP D 36 -9.39 18.87 26.28
C TRP D 36 -10.86 18.69 26.60
N LEU D 37 -11.58 18.12 25.63
CA LEU D 37 -12.98 17.79 25.69
C LEU D 37 -13.15 16.29 25.72
N ILE D 38 -14.20 15.82 26.38
CA ILE D 38 -14.63 14.44 26.27
C ILE D 38 -16.10 14.35 25.84
N LEU D 39 -16.36 13.42 24.91
CA LEU D 39 -17.70 13.15 24.42
CA LEU D 39 -17.68 13.14 24.39
C LEU D 39 -18.14 11.83 25.02
N VAL D 40 -19.30 11.83 25.67
CA VAL D 40 -19.77 10.61 26.32
C VAL D 40 -21.09 10.23 25.65
N PRO D 41 -21.09 9.15 24.87
CA PRO D 41 -22.36 8.74 24.29
C PRO D 41 -23.33 8.30 25.35
N GLN D 42 -24.57 8.74 25.26
CA GLN D 42 -25.55 8.52 26.32
C GLN D 42 -26.32 7.20 26.14
N ARG D 43 -25.57 6.10 26.13
CA ARG D 43 -26.06 4.76 26.01
C ARG D 43 -25.48 3.96 27.16
N ALA D 44 -26.32 3.19 27.82
CA ALA D 44 -25.91 2.40 28.96
C ALA D 44 -24.93 1.26 28.65
N ASP D 45 -23.92 1.12 29.53
CA ASP D 45 -23.03 -0.02 29.58
CA ASP D 45 -23.03 -0.04 29.57
C ASP D 45 -22.31 -0.26 28.23
N ILE D 46 -21.78 0.81 27.66
CA ILE D 46 -20.99 0.69 26.46
C ILE D 46 -19.55 0.94 26.90
N LYS D 47 -18.63 0.03 26.59
CA LYS D 47 -17.21 0.30 26.81
C LYS D 47 -16.38 0.45 25.56
N GLU D 48 -16.72 -0.25 24.49
CA GLU D 48 -15.98 -0.18 23.24
C GLU D 48 -16.84 0.48 22.19
N VAL D 49 -16.23 1.29 21.30
CA VAL D 49 -17.00 1.94 20.24
C VAL D 49 -17.75 0.95 19.39
N PHE D 50 -17.18 -0.24 19.17
CA PHE D 50 -17.83 -1.26 18.35
C PHE D 50 -19.08 -1.89 18.99
N GLU D 51 -19.30 -1.66 20.29
CA GLU D 51 -20.50 -2.11 20.98
C GLU D 51 -21.71 -1.26 20.70
N LEU D 52 -21.53 -0.03 20.21
CA LEU D 52 -22.62 0.83 19.85
C LEU D 52 -23.31 0.24 18.61
N THR D 53 -24.58 0.56 18.44
CA THR D 53 -25.29 0.22 17.23
C THR D 53 -24.58 0.88 16.05
N PRO D 54 -24.76 0.34 14.84
CA PRO D 54 -24.11 1.03 13.73
C PRO D 54 -24.48 2.52 13.56
N LEU D 55 -25.75 2.84 13.65
CA LEU D 55 -26.18 4.23 13.59
C LEU D 55 -25.53 5.07 14.69
N ASP D 56 -25.47 4.56 15.92
CA ASP D 56 -24.76 5.33 16.98
C ASP D 56 -23.25 5.48 16.70
N GLN D 57 -22.63 4.50 16.05
CA GLN D 57 -21.24 4.64 15.64
C GLN D 57 -21.06 5.80 14.66
N ALA D 58 -22.02 5.96 13.73
CA ALA D 58 -21.99 7.05 12.76
C ALA D 58 -22.26 8.40 13.44
N MSE D 59 -23.25 8.47 14.34
CA MSE D 59 -23.53 9.68 15.14
C MSE D 59 -22.28 10.10 15.93
O MSE D 59 -21.94 11.27 15.96
CB MSE D 59 -24.65 9.47 16.15
CG MSE D 59 -26.08 9.62 15.71
SE MSE D 59 -26.59 11.37 15.14
CE MSE D 59 -25.22 12.53 15.77
N LEU D 60 -21.62 9.14 16.58
CA LEU D 60 -20.41 9.44 17.36
C LEU D 60 -19.25 9.98 16.50
N THR D 61 -19.08 9.40 15.31
CA THR D 61 -18.08 9.84 14.36
C THR D 61 -18.21 11.30 14.00
N PHE D 62 -19.39 11.70 13.56
CA PHE D 62 -19.60 13.07 13.11
C PHE D 62 -19.73 14.06 14.24
N GLU D 63 -20.27 13.64 15.37
CA GLU D 63 -20.17 14.45 16.59
C GLU D 63 -18.71 14.67 16.97
N THR D 64 -17.92 13.61 16.99
CA THR D 64 -16.51 13.70 17.32
C THR D 64 -15.83 14.65 16.34
N ASN D 65 -16.17 14.53 15.05
CA ASN D 65 -15.46 15.27 14.02
C ASN D 65 -15.89 16.73 13.96
N LEU D 66 -17.17 17.01 14.15
CA LEU D 66 -17.67 18.35 14.30
C LEU D 66 -16.95 19.04 15.46
N VAL D 67 -16.89 18.36 16.60
CA VAL D 67 -16.21 18.89 17.80
C VAL D 67 -14.69 19.07 17.59
N ALA D 68 -14.04 18.08 16.99
CA ALA D 68 -12.61 18.20 16.66
C ALA D 68 -12.37 19.44 15.80
N ALA D 69 -13.17 19.61 14.75
CA ALA D 69 -12.97 20.74 13.85
C ALA D 69 -13.21 22.05 14.54
N GLY D 70 -14.24 22.09 15.37
CA GLY D 70 -14.59 23.30 16.11
C GLY D 70 -13.57 23.63 17.16
N LEU D 71 -13.09 22.60 17.86
CA LEU D 71 -12.00 22.76 18.85
C LEU D 71 -10.75 23.36 18.20
N LYS D 72 -10.40 22.90 16.99
CA LYS D 72 -9.24 23.42 16.27
C LYS D 72 -9.39 24.91 15.92
N LYS D 73 -10.57 25.27 15.43
CA LYS D 73 -10.92 26.66 15.09
C LYS D 73 -10.94 27.53 16.37
N ALA D 74 -11.49 27.00 17.45
CA ALA D 74 -11.61 27.70 18.72
C ALA D 74 -10.25 28.02 19.38
N THR D 75 -9.30 27.10 19.26
CA THR D 75 -8.03 27.17 19.97
C THR D 75 -6.84 27.54 19.09
N GLY D 76 -7.00 27.56 17.77
CA GLY D 76 -5.85 27.68 16.88
C GLY D 76 -4.87 26.50 16.98
N ALA D 77 -5.34 25.32 17.43
CA ALA D 77 -4.49 24.19 17.66
C ALA D 77 -3.76 23.82 16.39
N GLU D 78 -2.49 23.45 16.50
CA GLU D 78 -1.77 22.89 15.36
C GLU D 78 -2.23 21.48 15.00
N LYS D 79 -2.71 20.73 15.99
CA LYS D 79 -3.17 19.35 15.75
C LYS D 79 -4.21 18.95 16.78
N ILE D 80 -5.20 18.20 16.33
CA ILE D 80 -6.14 17.56 17.23
C ILE D 80 -5.72 16.13 17.51
N ASN D 81 -5.94 15.71 18.76
CA ASN D 81 -5.76 14.33 19.15
C ASN D 81 -7.08 13.75 19.62
N ILE D 82 -7.40 12.56 19.13
CA ILE D 82 -8.64 11.93 19.44
C ILE D 82 -8.31 10.60 20.02
N GLY D 83 -8.96 10.22 21.13
CA GLY D 83 -8.76 8.91 21.71
C GLY D 83 -9.95 8.30 22.40
N ALA D 84 -10.11 6.98 22.27
CA ALA D 84 -11.05 6.20 23.07
C ALA D 84 -10.17 5.20 23.72
N LEU D 85 -9.86 5.42 25.02
CA LEU D 85 -8.90 4.60 25.73
C LEU D 85 -9.68 3.76 26.73
N GLY D 86 -10.01 4.30 27.91
CA GLY D 86 -10.96 3.61 28.77
C GLY D 86 -10.40 2.45 29.57
N ASN D 87 -9.09 2.48 29.80
CA ASN D 87 -8.44 1.56 30.71
C ASN D 87 -8.83 1.88 32.14
N ILE D 88 -8.96 3.19 32.43
CA ILE D 88 -9.26 3.72 33.74
C ILE D 88 -10.81 3.65 33.88
N VAL D 89 -11.49 4.52 33.15
CA VAL D 89 -12.94 4.56 33.19
C VAL D 89 -13.49 3.79 31.99
N ARG D 90 -14.19 2.69 32.27
CA ARG D 90 -14.69 1.82 31.24
C ARG D 90 -15.84 2.39 30.40
N GLN D 91 -16.68 3.24 30.99
CA GLN D 91 -17.77 3.84 30.24
C GLN D 91 -17.18 4.56 29.03
N LEU D 92 -17.72 4.29 27.85
CA LEU D 92 -17.17 4.79 26.61
C LEU D 92 -17.14 6.33 26.59
N HIS D 93 -15.99 6.91 26.33
CA HIS D 93 -15.86 8.36 26.18
C HIS D 93 -14.70 8.66 25.26
N VAL D 94 -14.86 9.71 24.46
CA VAL D 94 -13.94 10.03 23.42
C VAL D 94 -13.31 11.34 23.76
N HIS D 95 -11.99 11.30 23.97
CA HIS D 95 -11.15 12.49 24.18
C HIS D 95 -10.96 13.23 22.85
N VAL D 96 -11.09 14.56 22.85
CA VAL D 96 -10.84 15.42 21.72
C VAL D 96 -9.99 16.58 22.27
N ILE D 97 -8.71 16.60 21.89
CA ILE D 97 -7.68 17.40 22.57
C ILE D 97 -6.99 18.30 21.57
N ALA D 98 -6.85 19.57 21.89
CA ALA D 98 -6.15 20.53 21.04
C ALA D 98 -4.67 20.56 21.43
N ARG D 99 -3.80 20.42 20.44
CA ARG D 99 -2.39 20.37 20.69
C ARG D 99 -1.64 21.41 19.88
N ARG D 100 -0.49 21.78 20.42
CA ARG D 100 0.48 22.63 19.73
CA ARG D 100 0.49 22.55 19.67
C ARG D 100 1.88 22.32 20.22
N GLU D 101 2.84 22.50 19.33
CA GLU D 101 4.24 22.45 19.68
C GLU D 101 4.50 23.38 20.85
N GLY D 102 5.20 22.84 21.84
CA GLY D 102 5.53 23.58 23.04
C GLY D 102 4.58 23.34 24.17
N ASP D 103 3.45 22.69 23.92
CA ASP D 103 2.45 22.49 24.97
C ASP D 103 3.01 21.40 25.90
N PRO D 104 2.40 21.18 27.07
CA PRO D 104 3.03 20.25 27.97
C PRO D 104 3.13 18.82 27.40
N ASN D 105 4.33 18.25 27.51
CA ASN D 105 4.69 16.92 27.01
C ASN D 105 4.64 16.76 25.51
N TRP D 106 4.63 17.88 24.78
CA TRP D 106 4.66 17.82 23.34
C TRP D 106 5.95 17.14 22.96
N PRO D 107 5.92 16.21 21.99
CA PRO D 107 4.85 15.71 21.15
C PRO D 107 4.18 14.44 21.70
N GLY D 108 4.45 14.08 22.96
CA GLY D 108 3.87 12.88 23.58
C GLY D 108 2.39 13.09 23.94
N PRO D 109 1.73 12.03 24.44
CA PRO D 109 0.35 12.12 24.79
C PRO D 109 0.11 12.94 26.06
N VAL D 110 -1.10 13.45 26.16
CA VAL D 110 -1.54 14.12 27.39
C VAL D 110 -1.87 13.07 28.45
N TRP D 111 -2.29 11.89 28.04
CA TRP D 111 -2.88 10.91 28.96
C TRP D 111 -1.82 10.41 29.94
N GLY D 112 -2.10 10.56 31.20
CA GLY D 112 -1.20 10.10 32.25
C GLY D 112 -0.03 11.01 32.56
N PHE D 113 0.02 12.20 31.93
CA PHE D 113 1.16 13.11 32.07
C PHE D 113 0.93 14.13 33.20
N GLY D 114 1.74 14.03 34.24
CA GLY D 114 1.73 15.04 35.30
C GLY D 114 0.42 15.18 36.05
N LYS D 115 0.19 16.36 36.59
CA LYS D 115 -0.86 16.60 37.56
C LYS D 115 -1.79 17.62 36.95
N ALA D 116 -3.08 17.33 36.95
CA ALA D 116 -4.06 18.23 36.38
C ALA D 116 -4.00 19.63 37.02
N GLU D 117 -4.13 20.65 36.19
CA GLU D 117 -4.22 22.03 36.64
C GLU D 117 -5.66 22.49 36.42
N PRO D 118 -6.46 22.62 37.49
CA PRO D 118 -7.86 23.01 37.26
C PRO D 118 -8.08 24.35 36.53
N TRP D 119 -9.09 24.40 35.67
CA TRP D 119 -9.50 25.65 35.02
C TRP D 119 -10.02 26.62 36.06
N PRO D 120 -9.63 27.91 36.00
CA PRO D 120 -10.40 28.89 36.77
C PRO D 120 -11.83 28.96 36.26
N GLU D 121 -12.74 29.40 37.12
CA GLU D 121 -14.17 29.34 36.87
CA GLU D 121 -14.19 29.33 36.83
C GLU D 121 -14.56 30.16 35.63
N GLU D 122 -14.25 31.46 35.64
CA GLU D 122 -14.65 32.32 34.53
C GLU D 122 -14.03 31.85 33.21
N GLU D 123 -12.74 31.49 33.25
CA GLU D 123 -11.99 30.99 32.08
C GLU D 123 -12.70 29.80 31.42
N HIS D 124 -13.16 28.83 32.20
CA HIS D 124 -13.82 27.67 31.61
C HIS D 124 -15.22 27.97 31.07
N ARG D 125 -15.93 28.91 31.68
CA ARG D 125 -17.21 29.38 31.12
C ARG D 125 -17.00 30.12 29.79
N THR D 126 -15.97 30.95 29.73
CA THR D 126 -15.61 31.67 28.48
C THR D 126 -15.21 30.69 27.40
N PHE D 127 -14.33 29.75 27.76
CA PHE D 127 -13.88 28.78 26.80
C PHE D 127 -15.01 27.89 26.30
N ALA D 128 -15.90 27.47 27.21
CA ALA D 128 -17.04 26.66 26.82
C ALA D 128 -17.89 27.41 25.78
N ALA D 129 -18.14 28.69 26.03
CA ALA D 129 -18.87 29.54 25.04
C ALA D 129 -18.13 29.68 23.70
N ARG D 130 -16.82 29.73 23.75
CA ARG D 130 -16.03 29.78 22.51
C ARG D 130 -16.15 28.46 21.70
N ILE D 131 -16.15 27.33 22.39
CA ILE D 131 -16.37 26.04 21.75
CA ILE D 131 -16.35 26.05 21.72
C ILE D 131 -17.73 26.02 21.06
N MSE D 132 -18.78 26.36 21.82
CA MSE D 132 -20.15 26.37 21.26
C MSE D 132 -20.27 27.32 20.05
O MSE D 132 -20.97 26.99 19.09
CB MSE D 132 -21.22 26.73 22.32
CG MSE D 132 -21.28 25.77 23.53
SE MSE D 132 -21.17 23.92 23.12
CE MSE D 132 -23.12 23.64 22.94
N GLU D 133 -19.59 28.47 20.09
CA GLU D 133 -19.58 29.42 18.96
C GLU D 133 -18.86 28.91 17.70
N ASN D 134 -18.03 27.89 17.85
CA ASN D 134 -17.21 27.37 16.75
C ASN D 134 -17.60 26.01 16.24
N LEU D 135 -18.49 25.29 16.93
CA LEU D 135 -18.97 24.01 16.43
C LEU D 135 -19.70 24.18 15.09
C1 GOL E . 14.44 -29.64 -23.83
O1 GOL E . 15.33 -29.85 -24.91
C2 GOL E . 15.03 -28.69 -22.77
O2 GOL E . 16.03 -27.85 -23.33
C3 GOL E . 13.95 -27.79 -22.17
O3 GOL E . 12.94 -28.49 -21.46
C1 GOL F . 17.00 -8.66 -30.82
O1 GOL F . 17.93 -8.95 -29.81
C2 GOL F . 15.94 -9.76 -30.89
O2 GOL F . 15.73 -10.43 -29.65
C3 GOL F . 16.28 -10.83 -31.90
O3 GOL F . 17.68 -10.96 -31.94
S SO4 G . -1.99 -3.32 -39.77
O1 SO4 G . -2.52 -3.07 -38.46
O2 SO4 G . -3.01 -3.96 -40.57
O3 SO4 G . -1.66 -2.03 -40.34
O4 SO4 G . -0.80 -4.17 -39.69
S SO4 H . 15.07 -7.07 -27.68
O1 SO4 H . 13.85 -7.14 -26.87
O2 SO4 H . 15.04 -8.23 -28.54
O3 SO4 H . 15.11 -5.91 -28.53
O4 SO4 H . 16.29 -7.08 -26.92
S SO4 I . -4.07 -15.98 -37.58
O1 SO4 I . -4.66 -16.75 -36.51
O2 SO4 I . -3.99 -16.88 -38.72
O3 SO4 I . -4.92 -14.83 -37.88
O4 SO4 I . -2.75 -15.52 -37.18
C1 GOL J . 2.00 -9.79 -19.90
O1 GOL J . 1.15 -10.51 -19.03
C2 GOL J . 2.63 -8.53 -19.26
O2 GOL J . 3.66 -8.79 -18.32
C3 GOL J . 1.55 -7.72 -18.56
O3 GOL J . 2.17 -6.54 -18.16
C1 GOL K . 15.60 -7.20 -7.21
O1 GOL K . 16.41 -6.27 -7.87
C2 GOL K . 14.36 -6.50 -6.68
O2 GOL K . 13.68 -5.83 -7.71
C3 GOL K . 14.81 -5.51 -5.62
O3 GOL K . 13.70 -4.81 -5.14
S SO4 L . -6.67 -4.20 -21.58
O1 SO4 L . -6.63 -5.59 -21.14
O2 SO4 L . -6.92 -4.11 -23.00
O3 SO4 L . -7.71 -3.50 -20.83
O4 SO4 L . -5.37 -3.59 -21.34
S SO4 M . -7.16 -3.71 -2.61
O1 SO4 M . -7.78 -4.24 -1.39
O2 SO4 M . -6.68 -4.77 -3.49
O3 SO4 M . -8.19 -2.94 -3.29
O4 SO4 M . -6.07 -2.81 -2.22
S SO4 N . -6.82 -11.44 -2.50
O1 SO4 N . -7.28 -11.56 -3.88
O2 SO4 N . -6.33 -12.73 -2.00
O3 SO4 N . -5.73 -10.50 -2.45
O4 SO4 N . -7.93 -11.04 -1.64
S SO4 O . 13.08 -9.19 -9.87
O1 SO4 O . 12.71 -10.23 -8.94
O2 SO4 O . 14.45 -9.26 -10.17
O3 SO4 O . 12.15 -9.02 -10.98
O4 SO4 O . 12.95 -7.95 -9.08
S SO4 P . 1.73 9.47 15.99
O1 SO4 P . 0.29 9.40 16.08
O2 SO4 P . 2.24 8.28 15.26
O3 SO4 P . 2.16 10.61 15.21
O4 SO4 P . 2.41 9.40 17.26
S SO4 Q . -6.98 11.00 -3.49
O1 SO4 Q . -7.15 12.40 -3.12
O2 SO4 Q . -8.18 10.18 -3.46
O3 SO4 Q . -6.50 11.00 -4.86
O4 SO4 Q . -6.00 10.43 -2.61
S SO4 R . 3.74 16.26 6.64
O1 SO4 R . 2.97 17.44 7.02
O2 SO4 R . 2.82 15.15 6.48
O3 SO4 R . 4.45 16.53 5.40
O4 SO4 R . 4.73 15.95 7.67
S SO4 S . -20.36 3.04 10.62
O1 SO4 S . -21.68 3.30 11.18
O2 SO4 S . -20.07 1.64 10.89
O3 SO4 S . -20.33 3.39 9.20
O4 SO4 S . -19.41 3.92 11.30
S SO4 T . -29.96 2.37 26.66
O1 SO4 T . -30.71 2.04 27.86
O2 SO4 T . -29.27 1.20 26.11
O3 SO4 T . -30.85 2.94 25.66
O4 SO4 T . -28.97 3.36 27.07
S SO4 U . -9.40 7.10 30.09
O1 SO4 U . -8.04 7.49 30.24
O2 SO4 U . -9.79 7.12 28.66
O3 SO4 U . -9.77 5.85 30.74
O4 SO4 U . -10.27 8.11 30.73
#